data_7VT6
#
_entry.id   7VT6
#
_cell.length_a   49.683
_cell.length_b   75.235
_cell.length_c   83.470
_cell.angle_alpha   90.000
_cell.angle_beta   90.000
_cell.angle_gamma   90.000
#
_symmetry.space_group_name_H-M   'P 21 21 21'
#
loop_
_entity.id
_entity.type
_entity.pdbx_description
1 polymer 'Endoglucanase H'
2 non-polymer beta-D-glucopyranose
3 non-polymer GLYCEROL
4 non-polymer TRYPTOPHAN
5 water water
#
_entity_poly.entity_id   1
_entity_poly.type   'polypeptide(L)'
_entity_poly.pdbx_seq_one_letter_code
;MGCQSTQLQTPAPDTGGIVELNRQLGRGVNLGNALEAPWEGAWGVRLEEGFFELIREAGFKTIRLPVSWTHHAGRAAPYT
IDPAFFSRVDWAVTQATRRGLNIVVNVHHYDELNANPQAEEARYLSIWRQIAERYRNQPGSVYFELLNEPHGRFNDNPQL
WNDLLAKALRVVRESNPSRAVIVGPVGWNSLWRLSELRLPDDPNLIVTFHYYDPLEFTHQGAEWLNPVPPTGVVWHQQNA
IAQAMEFAQRWAEQNRRPIFVGEFGAYEKGDLDSRVRWTGAVRSELEKRNFSWAYWEFAAGFGIYDRTTRQWRTPLLKAL
VPEQPKLKLAAALEHHHHHH
;
_entity_poly.pdbx_strand_id   A
#
# COMPACT_ATOMS: atom_id res chain seq x y z
N GLY A 17 -20.48 -7.23 2.48
CA GLY A 17 -20.25 -5.81 2.75
C GLY A 17 -18.78 -5.45 2.86
N ILE A 18 -18.51 -4.18 3.14
CA ILE A 18 -17.14 -3.69 3.08
C ILE A 18 -16.29 -4.25 4.22
N VAL A 19 -16.89 -4.58 5.36
CA VAL A 19 -16.10 -5.17 6.45
C VAL A 19 -15.61 -6.55 6.04
N GLU A 20 -16.45 -7.30 5.33
CA GLU A 20 -16.04 -8.61 4.84
C GLU A 20 -15.00 -8.48 3.73
N LEU A 21 -15.15 -7.52 2.82
CA LEU A 21 -14.12 -7.30 1.79
C LEU A 21 -12.79 -6.93 2.42
N ASN A 22 -12.82 -6.13 3.50
CA ASN A 22 -11.56 -5.84 4.18
C ASN A 22 -10.98 -7.09 4.85
N ARG A 23 -11.84 -7.89 5.50
CA ARG A 23 -11.35 -9.13 6.11
C ARG A 23 -10.75 -10.04 5.05
N GLN A 24 -11.33 -10.05 3.85
CA GLN A 24 -10.81 -10.85 2.76
C GLN A 24 -9.41 -10.41 2.36
N LEU A 25 -9.09 -9.12 2.52
CA LEU A 25 -7.70 -8.73 2.25
C LEU A 25 -6.70 -9.52 3.10
N GLY A 26 -7.03 -9.75 4.37
CA GLY A 26 -6.21 -10.61 5.21
C GLY A 26 -4.75 -10.23 5.18
N ARG A 27 -3.91 -11.24 5.01
CA ARG A 27 -2.45 -11.08 4.96
C ARG A 27 -2.03 -10.86 3.52
N GLY A 28 -1.17 -9.85 3.28
CA GLY A 28 -0.79 -9.53 1.91
C GLY A 28 0.65 -9.08 1.82
N VAL A 29 1.10 -8.90 0.58
CA VAL A 29 2.46 -8.41 0.36
C VAL A 29 2.47 -7.47 -0.83
N ASN A 30 3.32 -6.44 -0.73
CA ASN A 30 3.53 -5.49 -1.81
C ASN A 30 4.51 -6.05 -2.82
N LEU A 31 4.17 -5.88 -4.10
CA LEU A 31 5.13 -6.10 -5.18
C LEU A 31 5.82 -4.75 -5.40
N GLY A 32 6.82 -4.47 -4.54
CA GLY A 32 7.51 -3.20 -4.55
C GLY A 32 8.78 -3.20 -5.38
N ASN A 33 9.31 -2.00 -5.58
CA ASN A 33 10.49 -1.75 -6.41
C ASN A 33 10.25 -2.20 -7.85
N ALA A 34 9.01 -2.09 -8.30
CA ALA A 34 8.56 -2.63 -9.58
C ALA A 34 7.85 -1.55 -10.38
N LEU A 35 6.51 -1.60 -10.46
CA LEU A 35 5.78 -0.67 -11.32
C LEU A 35 5.63 0.71 -10.74
N GLU A 36 6.12 0.97 -9.52
CA GLU A 36 6.04 2.30 -8.96
C GLU A 36 7.34 3.06 -9.14
N ALA A 37 8.35 2.44 -9.74
CA ALA A 37 9.58 3.09 -10.15
C ALA A 37 9.28 3.91 -11.40
N PRO A 38 10.25 4.64 -11.96
CA PRO A 38 10.00 5.31 -13.25
C PRO A 38 9.62 4.37 -14.38
N TRP A 39 10.14 3.14 -14.37
CA TRP A 39 9.74 2.09 -15.29
C TRP A 39 10.04 0.76 -14.60
N GLU A 40 9.44 -0.30 -15.11
CA GLU A 40 9.52 -1.61 -14.46
C GLU A 40 10.94 -2.15 -14.58
N GLY A 41 11.58 -2.31 -13.42
CA GLY A 41 12.95 -2.76 -13.32
C GLY A 41 13.92 -1.67 -12.94
N ALA A 42 13.50 -0.41 -13.04
CA ALA A 42 14.41 0.67 -12.69
C ALA A 42 14.87 0.58 -11.24
N TRP A 43 14.03 0.06 -10.34
CA TRP A 43 14.40 -0.05 -8.94
C TRP A 43 14.64 -1.50 -8.54
N GLY A 44 14.83 -2.38 -9.52
CA GLY A 44 15.47 -3.65 -9.27
C GLY A 44 14.57 -4.87 -9.34
N VAL A 45 13.25 -4.70 -9.46
CA VAL A 45 12.34 -5.84 -9.50
C VAL A 45 11.45 -5.76 -10.74
N ARG A 46 11.70 -6.65 -11.70
CA ARG A 46 10.77 -6.91 -12.79
C ARG A 46 9.78 -7.99 -12.32
N LEU A 47 8.50 -7.77 -12.56
CA LEU A 47 7.53 -8.78 -12.13
C LEU A 47 7.63 -10.03 -12.99
N GLU A 48 7.36 -11.18 -12.36
CA GLU A 48 7.33 -12.48 -13.01
C GLU A 48 6.05 -13.21 -12.65
N GLU A 49 5.52 -14.01 -13.60
CA GLU A 49 4.28 -14.73 -13.34
C GLU A 49 4.41 -15.64 -12.11
N GLY A 50 5.58 -16.26 -11.94
CA GLY A 50 5.75 -17.19 -10.85
C GLY A 50 5.67 -16.57 -9.47
N PHE A 51 5.78 -15.23 -9.36
CA PHE A 51 5.62 -14.58 -8.07
C PHE A 51 4.26 -14.87 -7.46
N PHE A 52 3.22 -14.98 -8.30
CA PHE A 52 1.87 -15.06 -7.73
C PHE A 52 1.67 -16.38 -6.98
N GLU A 53 2.03 -17.51 -7.59
CA GLU A 53 1.95 -18.79 -6.90
C GLU A 53 2.85 -18.80 -5.67
N LEU A 54 4.06 -18.21 -5.78
CA LEU A 54 4.96 -18.23 -4.64
C LEU A 54 4.30 -17.56 -3.45
N ILE A 55 3.67 -16.43 -3.72
CA ILE A 55 3.09 -15.62 -2.66
C ILE A 55 1.88 -16.32 -2.09
N ARG A 56 1.10 -16.97 -2.96
CA ARG A 56 -0.07 -17.65 -2.46
C ARG A 56 0.33 -18.84 -1.61
N GLU A 57 1.39 -19.54 -2.03
CA GLU A 57 1.64 -20.77 -1.29
C GLU A 57 2.34 -20.50 0.04
N ALA A 58 2.90 -19.30 0.22
CA ALA A 58 3.51 -18.89 1.47
C ALA A 58 2.49 -18.39 2.49
N GLY A 59 1.22 -18.31 2.12
CA GLY A 59 0.17 -17.99 3.05
C GLY A 59 -0.45 -16.63 2.88
N PHE A 60 -0.10 -15.90 1.83
CA PHE A 60 -0.68 -14.59 1.61
C PHE A 60 -1.92 -14.70 0.74
N LYS A 61 -2.90 -13.83 1.00
CA LYS A 61 -4.14 -13.79 0.22
C LYS A 61 -4.20 -12.63 -0.75
N THR A 62 -3.30 -11.64 -0.62
CA THR A 62 -3.44 -10.37 -1.30
C THR A 62 -2.10 -9.88 -1.83
N ILE A 63 -2.15 -9.30 -3.03
CA ILE A 63 -1.06 -8.56 -3.65
C ILE A 63 -1.44 -7.09 -3.56
N ARG A 64 -0.57 -6.25 -3.01
CA ARG A 64 -0.69 -4.81 -3.26
C ARG A 64 0.27 -4.46 -4.40
N LEU A 65 -0.25 -3.74 -5.40
CA LEU A 65 0.46 -3.44 -6.64
C LEU A 65 0.70 -1.95 -6.74
N PRO A 66 1.82 -1.45 -6.23
CA PRO A 66 2.14 -0.02 -6.41
C PRO A 66 2.37 0.29 -7.88
N VAL A 67 1.67 1.32 -8.38
CA VAL A 67 1.80 1.71 -9.79
C VAL A 67 1.97 3.22 -9.85
N SER A 68 3.09 3.68 -10.42
CA SER A 68 3.31 5.12 -10.58
C SER A 68 2.98 5.54 -12.01
N TRP A 69 1.68 5.80 -12.23
CA TRP A 69 1.12 6.06 -13.55
C TRP A 69 1.70 7.32 -14.17
N THR A 70 2.15 8.29 -13.36
CA THR A 70 2.57 9.58 -13.90
C THR A 70 3.67 9.43 -14.94
N HIS A 71 4.56 8.46 -14.78
CA HIS A 71 5.63 8.31 -15.76
C HIS A 71 5.13 7.83 -17.11
N HIS A 72 3.92 7.30 -17.18
CA HIS A 72 3.44 6.61 -18.36
C HIS A 72 2.21 7.26 -18.95
N ALA A 73 1.90 8.48 -18.56
CA ALA A 73 0.70 9.14 -19.04
C ALA A 73 1.08 10.43 -19.74
N GLY A 74 0.33 10.79 -20.78
CA GLY A 74 0.58 12.04 -21.46
C GLY A 74 0.46 13.23 -20.53
N ARG A 75 1.26 14.27 -20.81
CA ARG A 75 1.23 15.47 -20.00
C ARG A 75 0.11 16.42 -20.41
N ALA A 76 -0.32 16.35 -21.67
CA ALA A 76 -1.41 17.16 -22.21
C ALA A 76 -2.71 16.36 -22.20
N ALA A 77 -3.82 17.06 -21.98
CA ALA A 77 -5.11 16.40 -22.04
C ALA A 77 -5.25 15.65 -23.37
N PRO A 78 -5.86 14.47 -23.37
CA PRO A 78 -6.58 13.83 -22.27
C PRO A 78 -5.72 12.92 -21.35
N TYR A 79 -4.41 13.12 -21.36
CA TYR A 79 -3.50 12.46 -20.40
C TYR A 79 -3.52 10.95 -20.56
N THR A 80 -3.48 10.49 -21.79
CA THR A 80 -3.65 9.07 -22.07
C THR A 80 -2.51 8.24 -21.52
N ILE A 81 -2.85 7.14 -20.84
CA ILE A 81 -1.83 6.22 -20.33
C ILE A 81 -1.30 5.36 -21.48
N ASP A 82 0.01 5.20 -21.52
CA ASP A 82 0.66 4.41 -22.55
C ASP A 82 0.00 3.03 -22.65
N PRO A 83 -0.40 2.59 -23.85
CA PRO A 83 -1.11 1.31 -23.96
C PRO A 83 -0.26 0.13 -23.54
N ALA A 84 1.05 0.14 -23.81
CA ALA A 84 1.85 -1.02 -23.42
C ALA A 84 1.96 -1.12 -21.91
N PHE A 85 2.11 0.03 -21.23
CA PHE A 85 2.18 -0.02 -19.78
C PHE A 85 0.85 -0.50 -19.22
N PHE A 86 -0.26 0.03 -19.77
CA PHE A 86 -1.58 -0.38 -19.30
C PHE A 86 -1.75 -1.88 -19.46
N SER A 87 -1.27 -2.44 -20.57
CA SER A 87 -1.40 -3.89 -20.77
C SER A 87 -0.61 -4.67 -19.74
N ARG A 88 0.54 -4.13 -19.30
CA ARG A 88 1.29 -4.79 -18.23
C ARG A 88 0.51 -4.82 -16.91
N VAL A 89 -0.15 -3.71 -16.58
CA VAL A 89 -0.99 -3.74 -15.37
C VAL A 89 -2.16 -4.71 -15.57
N ASP A 90 -2.74 -4.77 -16.78
CA ASP A 90 -3.77 -5.77 -17.07
C ASP A 90 -3.27 -7.15 -16.71
N TRP A 91 -2.06 -7.45 -17.16
CA TRP A 91 -1.48 -8.76 -16.94
C TRP A 91 -1.35 -9.06 -15.46
N ALA A 92 -0.84 -8.09 -14.67
CA ALA A 92 -0.71 -8.32 -13.23
C ALA A 92 -2.07 -8.55 -12.58
N VAL A 93 -3.07 -7.75 -12.95
CA VAL A 93 -4.41 -7.90 -12.37
C VAL A 93 -4.97 -9.28 -12.70
N THR A 94 -4.85 -9.68 -13.96
CA THR A 94 -5.42 -10.96 -14.38
C THR A 94 -4.68 -12.14 -13.75
N GLN A 95 -3.36 -12.09 -13.70
CA GLN A 95 -2.63 -13.23 -13.16
C GLN A 95 -2.86 -13.38 -11.66
N ALA A 96 -2.93 -12.27 -10.93
CA ALA A 96 -3.25 -12.39 -9.52
C ALA A 96 -4.66 -12.92 -9.32
N THR A 97 -5.63 -12.38 -10.09
CA THR A 97 -7.03 -12.72 -9.86
C THR A 97 -7.30 -14.17 -10.19
N ARG A 98 -6.81 -14.63 -11.33
CA ARG A 98 -7.09 -16.01 -11.70
C ARG A 98 -6.48 -16.99 -10.74
N ARG A 99 -5.34 -16.63 -10.13
CA ARG A 99 -4.65 -17.51 -9.21
C ARG A 99 -5.12 -17.32 -7.76
N GLY A 100 -6.28 -16.69 -7.57
CA GLY A 100 -6.99 -16.68 -6.29
C GLY A 100 -6.65 -15.55 -5.35
N LEU A 101 -5.78 -14.63 -5.77
CA LEU A 101 -5.31 -13.56 -4.90
C LEU A 101 -6.15 -12.32 -5.10
N ASN A 102 -6.35 -11.59 -4.01
CA ASN A 102 -6.84 -10.23 -4.18
C ASN A 102 -5.71 -9.37 -4.74
N ILE A 103 -6.08 -8.27 -5.40
CA ILE A 103 -5.05 -7.32 -5.82
C ILE A 103 -5.55 -5.91 -5.58
N VAL A 104 -4.73 -5.11 -4.92
CA VAL A 104 -4.96 -3.69 -4.70
C VAL A 104 -4.19 -2.92 -5.77
N VAL A 105 -4.91 -2.22 -6.63
CA VAL A 105 -4.32 -1.38 -7.67
C VAL A 105 -4.38 0.07 -7.17
N ASN A 106 -3.22 0.72 -7.06
CA ASN A 106 -3.21 2.10 -6.56
C ASN A 106 -2.67 3.07 -7.60
N VAL A 107 -2.67 4.33 -7.20
CA VAL A 107 -1.79 5.34 -7.76
C VAL A 107 -0.72 5.57 -6.69
N HIS A 108 0.57 5.39 -7.04
CA HIS A 108 1.59 5.30 -6.00
C HIS A 108 2.41 6.58 -5.94
N HIS A 109 3.63 6.61 -6.45
CA HIS A 109 4.37 7.87 -6.42
C HIS A 109 3.80 8.80 -7.46
N TYR A 110 3.76 10.08 -7.10
CA TYR A 110 3.18 11.08 -7.96
C TYR A 110 3.69 12.44 -7.50
N ASP A 111 4.97 12.70 -7.74
CA ASP A 111 5.59 13.89 -7.18
C ASP A 111 4.83 15.15 -7.58
N GLU A 112 4.36 15.20 -8.83
CA GLU A 112 3.70 16.38 -9.34
C GLU A 112 2.45 16.70 -8.54
N LEU A 113 1.70 15.66 -8.17
CA LEU A 113 0.43 15.85 -7.50
C LEU A 113 0.62 16.25 -6.06
N ASN A 114 1.56 15.62 -5.35
CA ASN A 114 1.86 16.02 -3.98
C ASN A 114 2.42 17.44 -3.93
N ALA A 115 3.16 17.87 -4.95
CA ALA A 115 3.70 19.23 -4.92
C ALA A 115 2.64 20.26 -5.24
N ASN A 116 1.77 19.98 -6.21
CA ASN A 116 0.80 20.97 -6.67
C ASN A 116 -0.52 20.30 -6.98
N PRO A 117 -1.31 19.99 -5.94
CA PRO A 117 -2.56 19.27 -6.15
C PRO A 117 -3.52 19.94 -7.11
N GLN A 118 -3.61 21.26 -7.06
CA GLN A 118 -4.56 21.95 -7.92
C GLN A 118 -4.12 21.90 -9.38
N ALA A 119 -2.83 22.11 -9.65
CA ALA A 119 -2.36 22.11 -11.04
C ALA A 119 -2.42 20.72 -11.65
N GLU A 120 -2.20 19.68 -10.85
CA GLU A 120 -2.13 18.33 -11.37
C GLU A 120 -3.46 17.58 -11.28
N GLU A 121 -4.47 18.21 -10.68
CA GLU A 121 -5.78 17.58 -10.50
C GLU A 121 -6.35 16.99 -11.79
N ALA A 122 -6.38 17.77 -12.88
CA ALA A 122 -7.01 17.26 -14.10
C ALA A 122 -6.36 15.97 -14.58
N ARG A 123 -5.02 15.94 -14.54
CA ARG A 123 -4.31 14.75 -15.02
C ARG A 123 -4.57 13.55 -14.10
N TYR A 124 -4.55 13.78 -12.79
CA TYR A 124 -4.80 12.69 -11.85
C TYR A 124 -6.22 12.14 -12.01
N LEU A 125 -7.21 13.03 -12.15
CA LEU A 125 -8.58 12.54 -12.32
C LEU A 125 -8.78 11.83 -13.66
N SER A 126 -8.06 12.25 -14.71
CA SER A 126 -8.08 11.49 -15.96
C SER A 126 -7.47 10.11 -15.80
N ILE A 127 -6.36 10.03 -15.07
CA ILE A 127 -5.75 8.72 -14.78
C ILE A 127 -6.76 7.81 -14.06
N TRP A 128 -7.43 8.33 -13.02
CA TRP A 128 -8.40 7.47 -12.34
C TRP A 128 -9.57 7.10 -13.25
N ARG A 129 -10.03 8.00 -14.12
CA ARG A 129 -11.12 7.62 -15.01
C ARG A 129 -10.69 6.48 -15.93
N GLN A 130 -9.47 6.56 -16.44
CA GLN A 130 -8.98 5.49 -17.31
C GLN A 130 -8.90 4.15 -16.57
N ILE A 131 -8.33 4.17 -15.37
CA ILE A 131 -8.19 2.93 -14.61
C ILE A 131 -9.56 2.37 -14.28
N ALA A 132 -10.46 3.23 -13.77
CA ALA A 132 -11.77 2.78 -13.32
C ALA A 132 -12.59 2.22 -14.46
N GLU A 133 -12.60 2.91 -15.61
CA GLU A 133 -13.37 2.40 -16.73
C GLU A 133 -12.79 1.08 -17.22
N ARG A 134 -11.46 0.98 -17.25
CA ARG A 134 -10.87 -0.23 -17.81
C ARG A 134 -11.17 -1.45 -16.96
N TYR A 135 -11.22 -1.27 -15.63
CA TYR A 135 -11.32 -2.40 -14.71
C TYR A 135 -12.71 -2.53 -14.09
N ARG A 136 -13.71 -1.85 -14.67
CA ARG A 136 -15.03 -1.79 -14.04
C ARG A 136 -15.66 -3.17 -13.88
N ASN A 137 -15.35 -4.12 -14.76
CA ASN A 137 -15.98 -5.44 -14.66
C ASN A 137 -15.17 -6.45 -13.86
N GLN A 138 -14.03 -6.05 -13.30
CA GLN A 138 -13.24 -6.97 -12.49
C GLN A 138 -14.03 -7.40 -11.26
N PRO A 139 -13.76 -8.61 -10.75
CA PRO A 139 -14.46 -9.09 -9.56
C PRO A 139 -14.08 -8.29 -8.32
N GLY A 140 -14.79 -8.58 -7.22
CA GLY A 140 -14.60 -7.89 -5.95
C GLY A 140 -13.26 -8.13 -5.28
N SER A 141 -12.48 -9.08 -5.79
CA SER A 141 -11.12 -9.26 -5.30
C SER A 141 -10.15 -8.22 -5.83
N VAL A 142 -10.60 -7.35 -6.74
CA VAL A 142 -9.82 -6.22 -7.22
C VAL A 142 -10.27 -4.97 -6.49
N TYR A 143 -9.32 -4.32 -5.82
CA TYR A 143 -9.56 -3.14 -4.99
C TYR A 143 -8.83 -1.95 -5.61
N PHE A 144 -9.40 -0.75 -5.44
CA PHE A 144 -8.74 0.48 -5.89
C PHE A 144 -8.25 1.26 -4.69
N GLU A 145 -7.09 1.90 -4.82
CA GLU A 145 -6.51 2.70 -3.73
C GLU A 145 -6.13 4.06 -4.31
N LEU A 146 -6.78 5.12 -3.82
CA LEU A 146 -6.80 6.40 -4.55
C LEU A 146 -5.43 7.08 -4.65
N LEU A 147 -4.66 7.15 -3.55
CA LEU A 147 -3.34 7.79 -3.63
C LEU A 147 -2.47 7.34 -2.47
N ASN A 148 -1.36 6.68 -2.79
CA ASN A 148 -0.37 6.33 -1.79
C ASN A 148 0.17 7.56 -1.07
N GLU A 149 0.25 7.48 0.27
CA GLU A 149 0.99 8.42 1.11
C GLU A 149 0.94 9.89 0.65
N PRO A 150 -0.22 10.53 0.68
CA PRO A 150 -0.25 11.98 0.37
C PRO A 150 0.69 12.74 1.27
N HIS A 151 1.41 13.69 0.68
CA HIS A 151 2.39 14.48 1.42
C HIS A 151 2.50 15.83 0.71
N GLY A 152 3.61 16.54 0.91
CA GLY A 152 3.78 17.80 0.20
C GLY A 152 2.71 18.81 0.61
N ARG A 153 2.06 19.40 -0.39
CA ARG A 153 1.02 20.38 -0.07
C ARG A 153 -0.15 19.77 0.68
N PHE A 154 -0.36 18.45 0.57
CA PHE A 154 -1.40 17.81 1.37
C PHE A 154 -1.05 17.79 2.85
N ASN A 155 0.25 17.78 3.18
CA ASN A 155 0.64 17.92 4.59
C ASN A 155 0.37 19.33 5.09
N ASP A 156 0.57 20.34 4.22
CA ASP A 156 0.37 21.73 4.63
C ASP A 156 -1.10 21.99 4.93
N ASN A 157 -1.98 21.42 4.13
CA ASN A 157 -3.41 21.63 4.26
C ASN A 157 -4.10 20.31 3.97
N PRO A 158 -4.35 19.50 5.01
CA PRO A 158 -5.00 18.20 4.79
C PRO A 158 -6.36 18.28 4.11
N GLN A 159 -7.03 19.43 4.18
CA GLN A 159 -8.32 19.52 3.51
C GLN A 159 -8.16 19.48 2.00
N LEU A 160 -6.98 19.83 1.45
CA LEU A 160 -6.79 19.69 0.02
C LEU A 160 -6.94 18.22 -0.40
N TRP A 161 -6.47 17.32 0.46
CA TRP A 161 -6.65 15.89 0.16
C TRP A 161 -8.08 15.46 0.39
N ASN A 162 -8.75 15.95 1.45
CA ASN A 162 -10.17 15.60 1.60
C ASN A 162 -10.98 16.00 0.34
N ASP A 163 -10.74 17.22 -0.17
CA ASP A 163 -11.46 17.66 -1.36
C ASP A 163 -11.09 16.82 -2.58
N LEU A 164 -9.80 16.53 -2.76
CA LEU A 164 -9.39 15.80 -3.95
C LEU A 164 -9.85 14.36 -3.91
N LEU A 165 -9.75 13.69 -2.77
CA LEU A 165 -10.16 12.31 -2.73
C LEU A 165 -11.65 12.17 -3.01
N ALA A 166 -12.47 13.16 -2.58
CA ALA A 166 -13.88 13.11 -2.93
C ALA A 166 -14.07 13.20 -4.44
N LYS A 167 -13.29 14.04 -5.11
CA LYS A 167 -13.40 14.12 -6.57
C LYS A 167 -12.99 12.81 -7.25
N ALA A 168 -11.91 12.20 -6.76
CA ALA A 168 -11.45 10.96 -7.37
C ALA A 168 -12.44 9.83 -7.11
N LEU A 169 -12.98 9.76 -5.89
CA LEU A 169 -14.00 8.77 -5.59
C LEU A 169 -15.20 8.94 -6.51
N ARG A 170 -15.63 10.19 -6.75
CA ARG A 170 -16.77 10.45 -7.63
C ARG A 170 -16.50 9.91 -9.04
N VAL A 171 -15.29 10.16 -9.56
CA VAL A 171 -14.90 9.60 -10.85
C VAL A 171 -14.98 8.08 -10.84
N VAL A 172 -14.37 7.44 -9.84
CA VAL A 172 -14.39 5.98 -9.76
C VAL A 172 -15.83 5.46 -9.75
N ARG A 173 -16.68 6.12 -8.96
CA ARG A 173 -18.04 5.63 -8.76
C ARG A 173 -18.89 5.77 -10.02
N GLU A 174 -18.48 6.60 -10.97
CA GLU A 174 -19.25 6.66 -12.22
C GLU A 174 -19.26 5.34 -12.99
N SER A 175 -18.22 4.52 -12.85
CA SER A 175 -18.11 3.24 -13.53
C SER A 175 -18.05 2.05 -12.57
N ASN A 176 -17.71 2.26 -11.30
CA ASN A 176 -17.55 1.19 -10.32
C ASN A 176 -18.38 1.58 -9.11
N PRO A 177 -19.70 1.32 -9.14
CA PRO A 177 -20.56 1.88 -8.08
C PRO A 177 -20.29 1.32 -6.71
N SER A 178 -19.77 0.10 -6.59
CA SER A 178 -19.64 -0.52 -5.28
C SER A 178 -18.26 -1.11 -4.98
N ARG A 179 -17.28 -0.99 -5.88
CA ARG A 179 -15.97 -1.56 -5.61
C ARG A 179 -15.37 -0.97 -4.34
N ALA A 180 -14.67 -1.81 -3.59
CA ALA A 180 -13.94 -1.32 -2.43
C ALA A 180 -12.88 -0.32 -2.87
N VAL A 181 -12.89 0.85 -2.24
CA VAL A 181 -11.92 1.90 -2.50
C VAL A 181 -11.17 2.17 -1.20
N ILE A 182 -9.84 2.18 -1.28
CA ILE A 182 -8.97 2.31 -0.13
C ILE A 182 -8.41 3.73 -0.09
N VAL A 183 -8.61 4.41 1.04
CA VAL A 183 -8.28 5.82 1.24
C VAL A 183 -7.48 5.98 2.52
N GLY A 184 -6.39 6.73 2.47
CA GLY A 184 -5.60 7.00 3.66
C GLY A 184 -5.47 8.47 3.99
N PRO A 185 -4.91 8.76 5.16
CA PRO A 185 -4.71 10.15 5.57
C PRO A 185 -3.40 10.71 5.01
N VAL A 186 -3.19 12.00 5.25
CA VAL A 186 -1.95 12.65 4.85
C VAL A 186 -0.82 12.30 5.81
N GLY A 187 0.27 13.07 5.78
CA GLY A 187 1.47 12.70 6.50
C GLY A 187 2.02 11.37 6.05
N TRP A 188 2.01 11.10 4.75
CA TRP A 188 2.45 9.83 4.19
C TRP A 188 1.64 8.67 4.79
N ASN A 189 0.31 8.83 4.82
CA ASN A 189 -0.59 7.83 5.40
C ASN A 189 -0.24 7.56 6.87
N SER A 190 -0.08 8.64 7.64
CA SER A 190 0.17 8.55 9.07
C SER A 190 -1.12 8.36 9.84
N LEU A 191 -1.18 7.37 10.73
CA LEU A 191 -2.42 7.15 11.48
C LEU A 191 -2.77 8.37 12.34
N TRP A 192 -1.76 9.16 12.75
CA TRP A 192 -2.07 10.31 13.57
C TRP A 192 -2.85 11.36 12.80
N ARG A 193 -2.78 11.34 11.46
CA ARG A 193 -3.51 12.30 10.65
C ARG A 193 -4.89 11.81 10.28
N LEU A 194 -5.31 10.64 10.78
CA LEU A 194 -6.71 10.24 10.64
C LEU A 194 -7.67 11.30 11.18
N SER A 195 -7.24 11.99 12.24
CA SER A 195 -8.02 13.06 12.85
C SER A 195 -8.47 14.10 11.84
N GLU A 196 -7.66 14.36 10.81
CA GLU A 196 -7.99 15.38 9.83
C GLU A 196 -8.63 14.81 8.57
N LEU A 197 -8.63 13.50 8.41
CA LEU A 197 -9.25 12.87 7.26
C LEU A 197 -10.77 13.02 7.33
N ARG A 198 -11.37 13.39 6.21
CA ARG A 198 -12.82 13.46 6.11
C ARG A 198 -13.23 12.69 4.87
N LEU A 199 -14.22 11.81 5.02
CA LEU A 199 -14.60 10.95 3.93
C LEU A 199 -16.05 11.15 3.56
N PRO A 200 -16.39 10.99 2.28
CA PRO A 200 -17.79 11.01 1.86
C PRO A 200 -18.61 9.92 2.52
N ASP A 201 -19.92 10.10 2.46
CA ASP A 201 -20.87 9.06 2.86
C ASP A 201 -20.97 8.05 1.72
N ASP A 202 -20.08 7.07 1.75
CA ASP A 202 -19.98 5.99 0.79
C ASP A 202 -19.73 4.71 1.60
N PRO A 203 -20.55 3.68 1.43
CA PRO A 203 -20.45 2.51 2.31
C PRO A 203 -19.37 1.51 1.91
N ASN A 204 -18.58 1.79 0.88
CA ASN A 204 -17.60 0.82 0.41
C ASN A 204 -16.19 1.41 0.40
N LEU A 205 -15.82 2.06 1.50
CA LEU A 205 -14.48 2.59 1.70
C LEU A 205 -13.77 1.77 2.76
N ILE A 206 -12.49 1.50 2.48
CA ILE A 206 -11.57 0.94 3.47
C ILE A 206 -10.54 2.00 3.78
N VAL A 207 -10.25 2.21 5.04
CA VAL A 207 -9.27 3.23 5.41
C VAL A 207 -7.92 2.56 5.61
N THR A 208 -6.86 3.21 5.12
CA THR A 208 -5.52 2.66 5.25
C THR A 208 -4.58 3.63 5.98
N PHE A 209 -3.59 3.06 6.65
CA PHE A 209 -2.41 3.82 7.02
C PHE A 209 -1.21 2.91 6.86
N HIS A 210 -0.03 3.51 6.92
CA HIS A 210 1.20 2.75 6.84
C HIS A 210 1.91 2.85 8.18
N TYR A 211 2.72 1.86 8.51
CA TYR A 211 3.37 1.85 9.82
C TYR A 211 4.85 1.54 9.69
N TYR A 212 5.69 2.53 9.98
CA TYR A 212 7.13 2.40 9.87
C TYR A 212 7.86 2.94 11.10
N ASP A 213 7.13 3.28 12.16
CA ASP A 213 7.77 3.82 13.35
C ASP A 213 8.56 2.73 14.06
N PRO A 214 9.79 3.04 14.54
CA PRO A 214 10.51 4.30 14.35
C PRO A 214 11.24 4.31 13.02
N LEU A 215 11.12 5.40 12.26
CA LEU A 215 11.83 5.52 10.99
C LEU A 215 13.31 5.33 11.17
N GLU A 216 13.85 5.79 12.32
CA GLU A 216 15.26 5.64 12.60
C GLU A 216 15.68 4.19 12.58
N PHE A 217 14.74 3.28 12.83
CA PHE A 217 15.06 1.87 12.78
C PHE A 217 14.67 1.27 11.44
N THR A 218 13.42 1.44 11.01
CA THR A 218 12.94 0.75 9.82
C THR A 218 13.60 1.25 8.55
N HIS A 219 14.06 2.50 8.55
CA HIS A 219 14.66 3.10 7.35
C HIS A 219 16.11 3.50 7.58
N GLN A 220 16.77 2.87 8.54
CA GLN A 220 18.18 3.15 8.74
C GLN A 220 18.96 2.80 7.47
N GLY A 221 19.81 3.74 7.03
CA GLY A 221 20.58 3.53 5.81
C GLY A 221 19.79 3.64 4.52
N ALA A 222 18.55 4.12 4.55
CA ALA A 222 17.79 4.32 3.32
C ALA A 222 18.23 5.61 2.63
N GLU A 223 18.87 5.49 1.47
CA GLU A 223 19.43 6.67 0.79
C GLU A 223 18.38 7.56 0.18
N TRP A 224 17.16 7.08 0.01
CA TRP A 224 16.13 7.89 -0.62
C TRP A 224 15.47 8.84 0.38
N LEU A 225 15.97 8.86 1.60
CA LEU A 225 15.53 9.80 2.61
C LEU A 225 16.49 10.98 2.71
N ASN A 226 15.97 12.09 3.19
CA ASN A 226 16.75 13.29 3.46
C ASN A 226 16.23 13.91 4.74
N PRO A 227 16.98 13.83 5.85
CA PRO A 227 18.30 13.20 5.94
C PRO A 227 18.26 11.67 5.96
N VAL A 228 19.42 11.06 5.69
CA VAL A 228 19.57 9.60 5.66
C VAL A 228 19.84 9.11 7.08
N PRO A 229 18.99 8.27 7.66
CA PRO A 229 19.20 7.86 9.04
C PRO A 229 20.42 6.96 9.17
N PRO A 230 21.18 7.12 10.24
CA PRO A 230 22.36 6.26 10.44
C PRO A 230 21.97 4.82 10.72
N THR A 231 22.90 3.91 10.46
CA THR A 231 22.70 2.50 10.71
C THR A 231 23.26 2.11 12.07
N GLY A 232 23.19 0.82 12.36
CA GLY A 232 23.57 0.34 13.68
C GLY A 232 22.50 0.47 14.74
N VAL A 233 21.26 0.71 14.32
CA VAL A 233 20.15 0.93 15.24
C VAL A 233 19.46 -0.40 15.51
N VAL A 234 19.36 -0.78 16.76
CA VAL A 234 18.67 -2.00 17.15
C VAL A 234 17.28 -1.63 17.63
N TRP A 235 16.42 -2.63 17.76
CA TRP A 235 15.04 -2.40 18.16
C TRP A 235 14.57 -3.53 19.04
N HIS A 236 13.83 -3.19 20.09
CA HIS A 236 13.03 -4.13 20.83
C HIS A 236 11.71 -3.47 21.21
N GLN A 237 10.74 -4.31 21.54
CA GLN A 237 9.38 -3.84 21.76
C GLN A 237 9.24 -3.16 23.11
N GLN A 238 8.60 -2.00 23.09
CA GLN A 238 8.08 -1.35 24.30
C GLN A 238 6.56 -1.23 24.17
N ASN A 239 6.01 -0.01 24.08
CA ASN A 239 4.57 0.20 24.07
C ASN A 239 4.06 0.99 22.89
N ALA A 240 4.96 1.47 22.03
CA ALA A 240 4.55 2.38 20.96
C ALA A 240 3.62 1.71 19.96
N ILE A 241 3.92 0.47 19.58
CA ILE A 241 3.05 -0.23 18.62
C ILE A 241 1.64 -0.36 19.17
N ALA A 242 1.50 -0.83 20.42
CA ALA A 242 0.18 -0.99 20.99
C ALA A 242 -0.55 0.35 21.07
N GLN A 243 0.15 1.41 21.48
CA GLN A 243 -0.50 2.72 21.61
C GLN A 243 -1.00 3.21 20.24
N ALA A 244 -0.17 3.06 19.22
CA ALA A 244 -0.55 3.49 17.87
C ALA A 244 -1.75 2.73 17.34
N MET A 245 -1.71 1.39 17.45
CA MET A 245 -2.78 0.60 16.86
C MET A 245 -4.09 0.77 17.62
N GLU A 246 -4.02 1.02 18.94
CA GLU A 246 -5.26 1.29 19.64
C GLU A 246 -5.85 2.63 19.24
N PHE A 247 -4.99 3.64 19.03
CA PHE A 247 -5.52 4.93 18.56
C PHE A 247 -6.24 4.74 17.24
N ALA A 248 -5.59 4.01 16.33
CA ALA A 248 -6.20 3.84 15.01
C ALA A 248 -7.49 3.05 15.09
N GLN A 249 -7.54 2.02 15.94
CA GLN A 249 -8.77 1.24 16.08
C GLN A 249 -9.90 2.08 16.64
N ARG A 250 -9.62 2.96 17.61
CA ARG A 250 -10.69 3.79 18.12
C ARG A 250 -11.19 4.77 17.07
N TRP A 251 -10.29 5.30 16.23
CA TRP A 251 -10.76 6.16 15.14
C TRP A 251 -11.65 5.36 14.19
N ALA A 252 -11.22 4.14 13.87
CA ALA A 252 -11.97 3.31 12.94
C ALA A 252 -13.35 2.96 13.51
N GLU A 253 -13.44 2.72 14.81
CA GLU A 253 -14.74 2.45 15.42
C GLU A 253 -15.61 3.70 15.46
N GLN A 254 -15.04 4.85 15.83
CA GLN A 254 -15.79 6.09 15.88
C GLN A 254 -16.35 6.45 14.51
N ASN A 255 -15.62 6.13 13.45
CA ASN A 255 -16.03 6.48 12.09
C ASN A 255 -16.63 5.31 11.32
N ARG A 256 -16.75 4.14 11.95
CA ARG A 256 -17.30 2.92 11.33
C ARG A 256 -16.69 2.64 9.96
N ARG A 257 -15.35 2.52 9.96
CA ARG A 257 -14.60 2.17 8.78
C ARG A 257 -13.69 0.99 9.10
N PRO A 258 -13.55 0.04 8.17
CA PRO A 258 -12.54 -1.01 8.36
C PRO A 258 -11.15 -0.48 8.01
N ILE A 259 -10.13 -1.21 8.47
CA ILE A 259 -8.73 -0.78 8.38
C ILE A 259 -7.86 -1.82 7.67
N PHE A 260 -7.05 -1.33 6.72
CA PHE A 260 -6.05 -2.08 5.98
C PHE A 260 -4.74 -1.34 6.15
N VAL A 261 -3.74 -2.00 6.74
CA VAL A 261 -2.44 -1.35 6.91
C VAL A 261 -1.58 -1.78 5.73
N GLY A 262 -1.49 -0.92 4.72
CA GLY A 262 -1.03 -1.30 3.40
C GLY A 262 0.46 -1.40 3.23
N GLU A 263 1.24 -0.92 4.21
CA GLU A 263 2.68 -1.09 4.22
C GLU A 263 3.18 -1.12 5.64
N PHE A 264 4.08 -2.05 5.93
CA PHE A 264 4.94 -2.01 7.10
C PHE A 264 6.14 -2.89 6.79
N GLY A 265 7.29 -2.55 7.34
CA GLY A 265 8.48 -3.34 7.08
C GLY A 265 9.75 -2.65 7.49
N ALA A 266 10.84 -3.40 7.62
CA ALA A 266 12.11 -2.85 8.08
C ALA A 266 13.22 -3.17 7.08
N TYR A 267 14.01 -2.16 6.75
CA TYR A 267 15.00 -2.25 5.67
C TYR A 267 16.15 -3.17 6.06
N GLU A 268 16.75 -3.83 5.07
CA GLU A 268 17.78 -4.84 5.34
C GLU A 268 19.07 -4.29 5.94
N LYS A 269 19.27 -2.97 5.98
CA LYS A 269 20.46 -2.46 6.67
C LYS A 269 20.35 -2.52 8.20
N GLY A 270 19.16 -2.83 8.74
CA GLY A 270 19.07 -3.12 10.16
C GLY A 270 19.42 -4.57 10.44
N ASP A 271 19.84 -4.86 11.68
CA ASP A 271 20.19 -6.23 11.99
C ASP A 271 18.96 -7.13 11.94
N LEU A 272 19.17 -8.36 11.45
CA LEU A 272 18.05 -9.25 11.16
C LEU A 272 17.21 -9.53 12.40
N ASP A 273 17.84 -9.80 13.55
CA ASP A 273 17.03 -10.18 14.70
C ASP A 273 16.12 -9.03 15.13
N SER A 274 16.61 -7.78 15.07
CA SER A 274 15.75 -6.62 15.33
C SER A 274 14.61 -6.51 14.31
N ARG A 275 14.92 -6.72 13.03
CA ARG A 275 13.87 -6.66 12.01
C ARG A 275 12.80 -7.71 12.26
N VAL A 276 13.21 -8.90 12.70
CA VAL A 276 12.24 -9.96 12.99
C VAL A 276 11.39 -9.61 14.21
N ARG A 277 12.02 -9.13 15.30
CA ARG A 277 11.25 -8.64 16.45
C ARG A 277 10.20 -7.63 16.02
N TRP A 278 10.63 -6.62 15.26
CA TRP A 278 9.74 -5.54 14.84
C TRP A 278 8.61 -6.05 13.95
N THR A 279 8.95 -6.86 12.96
CA THR A 279 7.96 -7.35 12.00
C THR A 279 6.90 -8.19 12.71
N GLY A 280 7.34 -9.09 13.61
CA GLY A 280 6.36 -9.91 14.32
C GLY A 280 5.53 -9.10 15.29
N ALA A 281 6.14 -8.14 15.98
CA ALA A 281 5.38 -7.30 16.90
C ALA A 281 4.29 -6.53 16.16
N VAL A 282 4.63 -5.98 14.99
CA VAL A 282 3.65 -5.22 14.24
C VAL A 282 2.56 -6.13 13.72
N ARG A 283 2.93 -7.25 13.08
CA ARG A 283 1.92 -8.18 12.56
C ARG A 283 0.97 -8.64 13.67
N SER A 284 1.52 -8.99 14.84
CA SER A 284 0.68 -9.44 15.94
C SER A 284 -0.31 -8.38 16.36
N GLU A 285 0.16 -7.13 16.48
CA GLU A 285 -0.76 -6.08 16.93
C GLU A 285 -1.80 -5.75 15.87
N LEU A 286 -1.41 -5.77 14.60
CA LEU A 286 -2.36 -5.53 13.51
C LEU A 286 -3.48 -6.55 13.59
N GLU A 287 -3.12 -7.82 13.75
CA GLU A 287 -4.16 -8.84 13.74
C GLU A 287 -5.00 -8.82 15.03
N LYS A 288 -4.40 -8.44 16.16
CA LYS A 288 -5.19 -8.25 17.39
C LYS A 288 -6.29 -7.22 17.20
N ARG A 289 -6.02 -6.19 16.41
CA ARG A 289 -6.97 -5.11 16.16
C ARG A 289 -7.86 -5.34 14.93
N ASN A 290 -7.79 -6.52 14.32
CA ASN A 290 -8.57 -6.88 13.13
C ASN A 290 -8.24 -6.00 11.93
N PHE A 291 -6.98 -5.57 11.83
CA PHE A 291 -6.53 -4.82 10.66
C PHE A 291 -6.00 -5.83 9.64
N SER A 292 -6.49 -5.77 8.40
CA SER A 292 -5.82 -6.47 7.31
C SER A 292 -4.49 -5.74 7.03
N TRP A 293 -3.60 -6.37 6.26
CA TRP A 293 -2.31 -5.71 6.09
C TRP A 293 -1.56 -6.22 4.87
N ALA A 294 -0.60 -5.39 4.40
CA ALA A 294 0.32 -5.81 3.35
C ALA A 294 1.74 -5.43 3.75
N TYR A 295 2.61 -6.43 3.76
CA TYR A 295 4.01 -6.22 4.10
C TYR A 295 4.75 -5.51 2.96
N TRP A 296 5.65 -4.60 3.35
CA TRP A 296 6.58 -3.96 2.42
C TRP A 296 7.93 -4.64 2.61
N GLU A 297 8.41 -5.43 1.64
CA GLU A 297 7.76 -5.81 0.37
C GLU A 297 8.31 -7.17 -0.04
N PHE A 298 7.96 -7.67 -1.23
CA PHE A 298 8.21 -9.06 -1.56
C PHE A 298 9.70 -9.39 -1.71
N ALA A 299 10.41 -8.70 -2.62
CA ALA A 299 11.70 -9.24 -3.09
C ALA A 299 12.88 -8.28 -3.05
N ALA A 300 12.72 -7.01 -2.63
CA ALA A 300 13.85 -6.09 -2.74
C ALA A 300 14.55 -5.91 -1.39
N GLY A 301 14.92 -4.67 -1.03
CA GLY A 301 15.72 -4.46 0.18
C GLY A 301 14.97 -4.60 1.48
N PHE A 302 13.66 -4.75 1.43
CA PHE A 302 12.86 -5.14 2.58
C PHE A 302 12.34 -6.57 2.40
N GLY A 303 12.83 -7.30 1.40
CA GLY A 303 12.12 -8.46 0.91
C GLY A 303 12.09 -9.65 1.86
N ILE A 304 11.04 -10.46 1.69
CA ILE A 304 10.98 -11.77 2.33
C ILE A 304 11.41 -12.88 1.40
N TYR A 305 11.72 -12.57 0.14
CA TYR A 305 12.15 -13.57 -0.83
C TYR A 305 13.38 -13.08 -1.54
N ASP A 306 14.40 -13.93 -1.64
CA ASP A 306 15.67 -13.59 -2.28
C ASP A 306 15.68 -14.25 -3.65
N ARG A 307 15.50 -13.45 -4.71
CA ARG A 307 15.48 -14.04 -6.05
C ARG A 307 16.84 -14.57 -6.47
N THR A 308 17.93 -14.08 -5.87
CA THR A 308 19.25 -14.54 -6.30
C THR A 308 19.47 -16.00 -5.92
N THR A 309 18.99 -16.40 -4.75
CA THR A 309 19.11 -17.80 -4.32
C THR A 309 17.81 -18.56 -4.47
N ARG A 310 16.73 -17.87 -4.82
CA ARG A 310 15.39 -18.43 -4.92
C ARG A 310 15.00 -19.11 -3.59
N GLN A 311 15.24 -18.37 -2.50
CA GLN A 311 14.95 -18.83 -1.14
C GLN A 311 14.18 -17.77 -0.38
N TRP A 312 13.22 -18.20 0.41
CA TRP A 312 12.59 -17.31 1.38
C TRP A 312 13.57 -16.91 2.47
N ARG A 313 13.35 -15.73 3.03
CA ARG A 313 14.07 -15.30 4.23
C ARG A 313 13.25 -15.80 5.41
N THR A 314 13.51 -17.03 5.82
CA THR A 314 12.61 -17.74 6.73
C THR A 314 12.31 -16.98 8.04
N PRO A 315 13.28 -16.35 8.71
CA PRO A 315 12.93 -15.65 9.96
C PRO A 315 11.89 -14.55 9.75
N LEU A 316 11.99 -13.82 8.64
CA LEU A 316 11.02 -12.76 8.40
C LEU A 316 9.68 -13.33 7.96
N LEU A 317 9.71 -14.33 7.08
CA LEU A 317 8.46 -14.96 6.66
C LEU A 317 7.71 -15.53 7.84
N LYS A 318 8.42 -16.18 8.78
CA LYS A 318 7.72 -16.77 9.92
C LYS A 318 7.26 -15.72 10.91
N ALA A 319 7.86 -14.53 10.89
CA ALA A 319 7.31 -13.44 11.68
C ALA A 319 5.97 -12.95 11.12
N LEU A 320 5.79 -13.06 9.80
CA LEU A 320 4.52 -12.70 9.16
C LEU A 320 3.47 -13.80 9.21
N VAL A 321 3.89 -15.05 9.01
CA VAL A 321 3.01 -16.20 8.88
C VAL A 321 3.48 -17.23 9.91
N PRO A 322 3.16 -17.06 11.19
CA PRO A 322 3.71 -17.93 12.22
C PRO A 322 3.04 -19.31 12.21
N GLU A 323 3.84 -20.32 12.61
CA GLU A 323 3.32 -21.69 12.61
C GLU A 323 2.40 -21.97 13.78
N GLN A 324 2.48 -21.17 14.84
CA GLN A 324 1.57 -21.26 15.97
C GLN A 324 1.12 -19.84 16.30
N PRO A 325 -0.11 -19.67 16.78
CA PRO A 325 -0.68 -18.29 16.82
C PRO A 325 0.03 -17.34 17.76
N LYS A 326 0.71 -17.82 18.79
CA LYS A 326 1.39 -16.92 19.70
C LYS A 326 2.88 -16.81 19.40
N LEU A 327 3.35 -17.36 18.26
CA LEU A 327 4.73 -17.20 17.83
C LEU A 327 4.88 -16.10 16.80
#